data_7P8O
#
_entry.id   7P8O
#
_cell.length_a   87.636
_cell.length_b   72.374
_cell.length_c   51.822
_cell.angle_alpha   90.00
_cell.angle_beta   100.05
_cell.angle_gamma   90.00
#
_symmetry.space_group_name_H-M   'C 1 2 1'
#
loop_
_entity.id
_entity.type
_entity.pdbx_description
1 polymer 'Aminotransferase class IV'
2 non-polymer 'SULFATE ION'
3 non-polymer 'MAGNESIUM ION'
4 water water
#
_entity_poly.entity_id   1
_entity_poly.type   'polypeptide(L)'
_entity_poly.pdbx_seq_one_letter_code
;GHMIKYYNINGQQVPVENATLHVSDLSILRGYGIFDYFLAREGHPLFLDDYLNRFYRSAAELYLEIPFDKAELRRQIYAL
LQANEVREAGIRLVLTGGYSPDGYTPVNPNLLIMMYDLPASAWEFSAQGIKIITHPFQRELPEVKTINYSTGIRMLKTIK
ERGATDLIYVDQGEWIRESARSNFFLVMPDNTIVTADEKILWGITRRQVIDAAREAGYAVEERRIHITELDQAREAFFTS
TIKGVMAIGQIDDRVFGDGTIGKVTQELQDLFVGKVKAYLETC
;
_entity_poly.pdbx_strand_id   A
#
loop_
_chem_comp.id
_chem_comp.type
_chem_comp.name
_chem_comp.formula
MG non-polymer 'MAGNESIUM ION' 'Mg 2'
SO4 non-polymer 'SULFATE ION' 'O4 S -2'
#
# COMPACT_ATOMS: atom_id res chain seq x y z
N HIS A 2 7.60 11.81 17.36
CA HIS A 2 7.68 10.62 18.27
C HIS A 2 6.42 10.49 19.12
N MET A 3 6.31 11.32 20.16
CA MET A 3 5.01 11.67 20.68
C MET A 3 4.23 12.33 19.52
N ILE A 4 3.09 11.74 19.16
CA ILE A 4 2.18 12.36 18.21
C ILE A 4 1.10 13.03 19.02
N LYS A 5 0.93 14.34 18.79
CA LYS A 5 0.04 15.13 19.62
C LYS A 5 -1.36 15.23 19.03
N TYR A 6 -1.49 15.26 17.69
CA TYR A 6 -2.74 15.65 17.05
C TYR A 6 -3.06 14.73 15.88
N TYR A 7 -4.37 14.48 15.64
CA TYR A 7 -4.85 14.00 14.36
C TYR A 7 -5.74 15.11 13.81
N ASN A 8 -6.32 14.87 12.65
CA ASN A 8 -7.26 15.78 12.01
C ASN A 8 -8.58 15.05 11.79
N ILE A 9 -9.67 15.63 12.30
CA ILE A 9 -10.98 15.10 11.94
C ILE A 9 -11.82 16.20 11.26
N ASN A 10 -12.18 15.93 10.01
CA ASN A 10 -13.04 16.79 9.20
C ASN A 10 -12.48 18.22 9.19
N GLY A 11 -11.16 18.36 9.05
CA GLY A 11 -10.50 19.64 8.93
C GLY A 11 -10.07 20.27 10.26
N GLN A 12 -10.45 19.70 11.40
CA GLN A 12 -10.05 20.30 12.66
C GLN A 12 -8.97 19.44 13.29
N GLN A 13 -7.93 20.09 13.80
CA GLN A 13 -6.86 19.46 14.54
C GLN A 13 -7.34 19.11 15.93
N VAL A 14 -7.20 17.83 16.31
CA VAL A 14 -7.78 17.35 17.54
C VAL A 14 -6.68 16.62 18.30
N PRO A 15 -6.49 16.89 19.62
CA PRO A 15 -5.58 16.08 20.42
C PRO A 15 -5.91 14.59 20.22
N VAL A 16 -4.87 13.76 20.11
CA VAL A 16 -5.12 12.34 19.91
C VAL A 16 -6.11 11.80 20.94
N GLU A 17 -5.97 12.21 22.21
CA GLU A 17 -6.82 11.67 23.27
C GLU A 17 -8.30 12.05 23.06
N ASN A 18 -8.58 13.05 22.22
CA ASN A 18 -9.99 13.37 22.01
C ASN A 18 -10.51 12.95 20.63
N ALA A 19 -9.70 12.21 19.85
CA ALA A 19 -10.09 11.90 18.48
C ALA A 19 -11.04 10.70 18.43
N THR A 20 -12.36 10.95 18.35
CA THR A 20 -13.36 9.89 18.46
C THR A 20 -14.43 10.12 17.39
N LEU A 21 -15.18 9.06 17.06
CA LEU A 21 -16.35 9.22 16.21
C LEU A 21 -17.56 8.63 16.96
N HIS A 22 -18.74 9.21 16.71
CA HIS A 22 -19.99 8.65 17.22
C HIS A 22 -20.24 7.28 16.55
N VAL A 23 -20.91 6.35 17.27
CA VAL A 23 -21.06 4.98 16.81
C VAL A 23 -22.00 4.84 15.62
N SER A 24 -22.72 5.91 15.26
CA SER A 24 -23.56 5.85 14.08
C SER A 24 -22.73 5.88 12.79
N ASP A 25 -21.43 6.21 12.88
CA ASP A 25 -20.56 6.19 11.71
C ASP A 25 -20.68 4.85 10.97
N LEU A 26 -20.93 4.90 9.67
CA LEU A 26 -21.08 3.69 8.86
C LEU A 26 -19.81 2.81 8.79
N SER A 27 -18.61 3.34 9.05
CA SER A 27 -17.45 2.44 9.06
C SER A 27 -17.52 1.54 10.29
N ILE A 28 -17.98 2.07 11.40
CA ILE A 28 -18.21 1.27 12.61
C ILE A 28 -19.30 0.21 12.38
N LEU A 29 -20.43 0.62 11.78
CA LEU A 29 -21.59 -0.25 11.69
C LEU A 29 -21.45 -1.27 10.58
N ARG A 30 -20.81 -0.90 9.45
CA ARG A 30 -20.83 -1.77 8.30
C ARG A 30 -19.45 -1.92 7.65
N GLY A 31 -18.42 -1.23 8.16
CA GLY A 31 -17.10 -1.34 7.53
C GLY A 31 -17.03 -0.57 6.21
N TYR A 32 -17.95 0.37 6.02
CA TYR A 32 -18.06 1.10 4.77
C TYR A 32 -17.03 2.22 4.80
N GLY A 33 -16.00 2.19 3.95
CA GLY A 33 -15.00 3.26 4.04
C GLY A 33 -13.84 3.03 3.10
N ILE A 34 -13.00 4.05 2.94
CA ILE A 34 -11.80 3.89 2.12
C ILE A 34 -10.63 4.44 2.94
N PHE A 35 -9.40 4.16 2.49
CA PHE A 35 -8.24 4.72 3.14
C PHE A 35 -7.07 4.87 2.17
N ASP A 36 -6.08 5.63 2.61
CA ASP A 36 -4.78 5.65 1.96
C ASP A 36 -3.70 5.77 3.03
N TYR A 37 -2.44 5.52 2.62
CA TYR A 37 -1.34 5.51 3.57
C TYR A 37 -0.06 5.80 2.79
N PHE A 38 0.73 6.73 3.30
CA PHE A 38 1.98 7.06 2.64
C PHE A 38 2.97 7.62 3.65
N LEU A 39 4.25 7.63 3.28
CA LEU A 39 5.28 8.10 4.22
C LEU A 39 5.60 9.57 3.92
N ALA A 40 6.16 10.26 4.90
CA ALA A 40 6.78 11.56 4.75
C ALA A 40 8.25 11.42 5.12
N ARG A 41 9.13 12.04 4.33
CA ARG A 41 10.54 12.20 4.69
C ARG A 41 10.98 13.64 4.47
N GLU A 42 11.90 14.12 5.31
CA GLU A 42 12.42 15.48 5.19
C GLU A 42 11.27 16.49 5.17
N GLY A 43 10.17 16.14 5.84
CA GLY A 43 9.05 17.05 5.99
C GLY A 43 8.10 17.08 4.80
N HIS A 44 8.24 16.14 3.86
CA HIS A 44 7.35 16.09 2.70
C HIS A 44 6.78 14.69 2.53
N PRO A 45 5.43 14.55 2.42
CA PRO A 45 4.82 13.28 1.99
C PRO A 45 5.34 12.92 0.60
N LEU A 46 5.69 11.65 0.43
CA LEU A 46 6.28 11.17 -0.82
C LEU A 46 5.21 11.05 -1.90
N PHE A 47 5.58 11.33 -3.16
CA PHE A 47 4.68 11.10 -4.28
C PHE A 47 3.26 11.57 -3.94
N LEU A 48 3.14 12.73 -3.29
CA LEU A 48 1.87 13.02 -2.64
C LEU A 48 0.73 13.13 -3.64
N ASP A 49 1.00 13.76 -4.78
CA ASP A 49 -0.06 13.93 -5.77
C ASP A 49 -0.64 12.58 -6.25
N ASP A 50 0.22 11.57 -6.46
CA ASP A 50 -0.17 10.22 -6.83
C ASP A 50 -1.04 9.56 -5.75
N TYR A 51 -0.70 9.74 -4.47
CA TYR A 51 -1.52 9.22 -3.38
C TYR A 51 -2.88 9.93 -3.36
N LEU A 52 -2.85 11.27 -3.37
CA LEU A 52 -4.12 11.98 -3.30
C LEU A 52 -5.02 11.58 -4.48
N ASN A 53 -4.45 11.46 -5.70
CA ASN A 53 -5.24 10.98 -6.82
C ASN A 53 -5.84 9.60 -6.53
N ARG A 54 -5.06 8.69 -5.92
CA ARG A 54 -5.64 7.40 -5.59
C ARG A 54 -6.80 7.56 -4.60
N PHE A 55 -6.64 8.42 -3.59
CA PHE A 55 -7.65 8.59 -2.57
C PHE A 55 -8.97 9.10 -3.18
N TYR A 56 -8.87 10.07 -4.10
CA TYR A 56 -10.10 10.60 -4.70
C TYR A 56 -10.79 9.54 -5.55
N ARG A 57 -10.00 8.68 -6.19
CA ARG A 57 -10.54 7.62 -7.02
C ARG A 57 -11.17 6.52 -6.16
N SER A 58 -10.52 6.14 -5.05
CA SER A 58 -11.10 5.17 -4.13
C SER A 58 -12.47 5.68 -3.66
N ALA A 59 -12.56 6.99 -3.37
CA ALA A 59 -13.78 7.57 -2.82
C ALA A 59 -14.87 7.46 -3.88
N ALA A 60 -14.50 7.67 -5.15
CA ALA A 60 -15.47 7.68 -6.24
C ALA A 60 -16.05 6.28 -6.43
N GLU A 61 -15.21 5.25 -6.27
CA GLU A 61 -15.62 3.86 -6.39
C GLU A 61 -16.72 3.50 -5.38
N LEU A 62 -16.81 4.24 -4.27
CA LEU A 62 -17.81 3.96 -3.23
C LEU A 62 -18.88 5.04 -3.17
N TYR A 63 -18.86 5.98 -4.13
CA TYR A 63 -19.82 7.07 -4.22
C TYR A 63 -19.76 8.01 -3.00
N LEU A 64 -18.58 8.17 -2.40
CA LEU A 64 -18.38 9.05 -1.26
C LEU A 64 -17.71 10.34 -1.73
N GLU A 65 -18.24 11.48 -1.30
CA GLU A 65 -17.59 12.71 -1.70
C GLU A 65 -16.65 13.18 -0.59
N ILE A 66 -15.38 13.40 -0.93
CA ILE A 66 -14.43 13.92 0.04
C ILE A 66 -14.83 15.37 0.28
N PRO A 67 -14.93 15.83 1.55
CA PRO A 67 -15.41 17.20 1.84
C PRO A 67 -14.48 18.35 1.47
N PHE A 68 -13.27 18.06 1.00
CA PHE A 68 -12.39 19.16 0.61
C PHE A 68 -11.82 18.79 -0.74
N ASP A 69 -11.37 19.80 -1.48
CA ASP A 69 -10.67 19.48 -2.72
C ASP A 69 -9.21 19.15 -2.40
N LYS A 70 -8.48 18.69 -3.41
CA LYS A 70 -7.14 18.15 -3.27
C LYS A 70 -6.15 19.15 -2.66
N ALA A 71 -6.23 20.42 -3.10
CA ALA A 71 -5.35 21.46 -2.59
C ALA A 71 -5.64 21.72 -1.12
N GLU A 72 -6.92 21.69 -0.74
CA GLU A 72 -7.23 21.85 0.67
C GLU A 72 -6.71 20.65 1.50
N LEU A 73 -6.85 19.43 0.99
CA LEU A 73 -6.43 18.25 1.73
C LEU A 73 -4.90 18.28 1.87
N ARG A 74 -4.22 18.65 0.79
CA ARG A 74 -2.78 18.80 0.79
C ARG A 74 -2.37 19.74 1.92
N ARG A 75 -3.07 20.88 2.04
CA ARG A 75 -2.78 21.89 3.07
CA ARG A 75 -2.76 21.88 3.07
C ARG A 75 -2.96 21.30 4.47
N GLN A 76 -4.06 20.56 4.69
CA GLN A 76 -4.34 19.95 5.98
C GLN A 76 -3.23 18.99 6.40
N ILE A 77 -2.72 18.21 5.43
CA ILE A 77 -1.69 17.22 5.71
C ILE A 77 -0.42 17.94 6.16
N TYR A 78 0.00 18.96 5.39
CA TYR A 78 1.19 19.72 5.73
C TYR A 78 1.00 20.40 7.08
N ALA A 79 -0.20 20.96 7.33
CA ALA A 79 -0.43 21.60 8.63
C ALA A 79 -0.27 20.58 9.76
N LEU A 80 -0.73 19.35 9.52
CA LEU A 80 -0.70 18.36 10.60
C LEU A 80 0.73 17.96 10.89
N LEU A 81 1.55 17.84 9.84
CA LEU A 81 2.97 17.55 10.04
C LEU A 81 3.62 18.62 10.91
N GLN A 82 3.34 19.90 10.59
CA GLN A 82 3.92 21.00 11.37
C GLN A 82 3.42 21.00 12.82
N ALA A 83 2.11 20.77 13.07
CA ALA A 83 1.55 20.74 14.43
C ALA A 83 2.16 19.62 15.27
N ASN A 84 2.52 18.51 14.62
CA ASN A 84 3.11 17.38 15.34
C ASN A 84 4.63 17.51 15.39
N GLU A 85 5.15 18.54 14.69
CA GLU A 85 6.59 18.79 14.62
C GLU A 85 7.41 17.57 14.16
N VAL A 86 7.01 16.92 13.07
CA VAL A 86 7.78 15.77 12.63
C VAL A 86 8.18 15.97 11.17
N ARG A 87 9.33 15.41 10.81
CA ARG A 87 9.77 15.51 9.43
C ARG A 87 9.69 14.13 8.76
N GLU A 88 9.71 13.09 9.58
CA GLU A 88 9.53 11.72 9.13
C GLU A 88 8.23 11.20 9.78
N ALA A 89 7.35 10.60 8.98
CA ALA A 89 6.09 10.08 9.52
C ALA A 89 5.48 9.05 8.57
N GLY A 90 4.54 8.27 9.12
CA GLY A 90 3.53 7.57 8.34
C GLY A 90 2.24 8.38 8.46
N ILE A 91 1.53 8.53 7.34
CA ILE A 91 0.30 9.30 7.32
C ILE A 91 -0.82 8.38 6.83
N ARG A 92 -1.94 8.31 7.58
CA ARG A 92 -3.04 7.49 7.14
C ARG A 92 -4.23 8.42 6.86
N LEU A 93 -4.85 8.30 5.67
CA LEU A 93 -6.08 9.04 5.39
C LEU A 93 -7.23 8.06 5.50
N VAL A 94 -8.33 8.50 6.13
CA VAL A 94 -9.50 7.64 6.19
C VAL A 94 -10.74 8.44 5.74
N LEU A 95 -11.57 7.87 4.87
CA LEU A 95 -12.85 8.51 4.60
C LEU A 95 -13.93 7.47 4.93
N THR A 96 -14.70 7.68 5.99
CA THR A 96 -15.72 6.71 6.37
C THR A 96 -16.99 7.00 5.59
N GLY A 97 -17.92 6.04 5.55
CA GLY A 97 -19.29 6.27 5.08
C GLY A 97 -20.01 7.40 5.81
N GLY A 98 -19.61 7.68 7.04
CA GLY A 98 -20.08 8.83 7.76
C GLY A 98 -21.29 8.55 8.67
N TYR A 99 -21.68 9.61 9.39
CA TYR A 99 -22.78 9.57 10.34
C TYR A 99 -24.09 9.45 9.59
N SER A 100 -24.92 8.51 10.02
CA SER A 100 -26.13 8.29 9.26
C SER A 100 -27.35 8.29 10.19
N PRO A 101 -28.36 9.17 9.96
CA PRO A 101 -29.56 9.16 10.80
C PRO A 101 -30.29 7.81 10.86
N ASP A 102 -30.09 6.95 9.84
CA ASP A 102 -30.88 5.73 9.81
C ASP A 102 -29.99 4.48 9.86
N GLY A 103 -28.70 4.64 10.17
CA GLY A 103 -27.79 3.50 10.29
C GLY A 103 -27.55 2.76 8.97
N TYR A 104 -27.82 3.41 7.83
CA TYR A 104 -27.63 2.75 6.54
C TYR A 104 -27.34 3.72 5.38
N THR A 105 -27.94 4.91 5.41
CA THR A 105 -27.82 5.92 4.35
C THR A 105 -26.59 6.80 4.62
N PRO A 106 -25.57 6.85 3.72
CA PRO A 106 -24.55 7.91 3.76
C PRO A 106 -25.06 9.30 3.41
N VAL A 107 -24.82 10.26 4.29
CA VAL A 107 -25.31 11.62 4.15
C VAL A 107 -24.15 12.60 4.33
N ASN A 108 -22.95 12.07 4.63
CA ASN A 108 -21.86 12.96 5.00
C ASN A 108 -20.70 12.09 5.49
N PRO A 109 -19.76 11.73 4.59
CA PRO A 109 -18.57 10.96 5.00
C PRO A 109 -17.72 11.69 6.03
N ASN A 110 -17.04 10.94 6.92
CA ASN A 110 -16.13 11.62 7.85
C ASN A 110 -14.69 11.42 7.36
N LEU A 111 -13.88 12.47 7.46
CA LEU A 111 -12.51 12.42 6.97
C LEU A 111 -11.54 12.45 8.14
N LEU A 112 -10.62 11.47 8.18
CA LEU A 112 -9.65 11.44 9.28
C LEU A 112 -8.25 11.56 8.66
N ILE A 113 -7.34 12.28 9.32
CA ILE A 113 -5.93 12.22 8.94
C ILE A 113 -5.18 11.80 10.21
N MET A 114 -4.56 10.63 10.16
CA MET A 114 -3.82 10.20 11.35
C MET A 114 -2.34 10.15 11.06
N MET A 115 -1.50 10.19 12.12
CA MET A 115 -0.08 10.30 11.90
C MET A 115 0.66 9.37 12.86
N TYR A 116 1.76 8.80 12.37
CA TYR A 116 2.54 7.81 13.12
C TYR A 116 4.00 8.16 12.93
N ASP A 117 4.83 7.48 13.72
CA ASP A 117 6.25 7.40 13.45
C ASP A 117 6.46 6.70 12.12
N LEU A 118 7.57 6.99 11.48
CA LEU A 118 7.95 6.23 10.31
C LEU A 118 8.11 4.77 10.75
N PRO A 119 7.46 3.80 10.06
CA PRO A 119 7.56 2.40 10.49
C PRO A 119 9.03 1.96 10.59
N ALA A 120 9.38 1.32 11.72
CA ALA A 120 10.75 0.96 12.02
C ALA A 120 11.32 0.11 10.88
N SER A 121 10.47 -0.75 10.33
CA SER A 121 10.87 -1.69 9.31
C SER A 121 10.78 -1.08 7.90
N ALA A 122 10.33 0.17 7.79
CA ALA A 122 10.10 0.77 6.48
C ALA A 122 11.40 0.73 5.67
N TRP A 123 11.32 0.17 4.46
CA TRP A 123 12.46 0.04 3.57
C TRP A 123 13.64 -0.62 4.29
N GLU A 124 13.36 -1.64 5.10
CA GLU A 124 14.43 -2.41 5.72
C GLU A 124 15.42 -2.87 4.66
N PHE A 125 14.91 -3.31 3.50
CA PHE A 125 15.77 -3.76 2.40
C PHE A 125 16.72 -4.87 2.87
N SER A 126 16.22 -5.86 3.60
CA SER A 126 17.07 -6.95 4.04
C SER A 126 17.62 -7.77 2.88
N ALA A 127 18.82 -8.32 3.08
CA ALA A 127 19.49 -9.16 2.12
C ALA A 127 18.81 -10.53 2.12
N GLN A 128 18.20 -10.88 3.25
CA GLN A 128 17.58 -12.20 3.37
C GLN A 128 16.13 -12.06 2.91
N GLY A 129 15.71 -12.86 1.93
CA GLY A 129 14.37 -12.64 1.37
C GLY A 129 13.31 -13.20 2.30
N ILE A 130 12.08 -12.71 2.17
CA ILE A 130 10.99 -13.22 2.99
C ILE A 130 10.50 -14.57 2.42
N LYS A 131 9.78 -15.31 3.25
CA LYS A 131 9.22 -16.61 2.90
C LYS A 131 7.70 -16.50 2.89
N ILE A 132 7.08 -16.89 1.78
CA ILE A 132 5.64 -16.78 1.60
C ILE A 132 5.09 -18.13 1.11
N ILE A 133 3.76 -18.25 1.12
CA ILE A 133 3.09 -19.41 0.54
C ILE A 133 2.22 -18.94 -0.63
N THR A 134 1.85 -19.89 -1.50
CA THR A 134 0.72 -19.78 -2.40
C THR A 134 -0.51 -20.31 -1.70
N HIS A 135 -1.68 -19.77 -2.09
CA HIS A 135 -2.95 -20.12 -1.47
C HIS A 135 -4.06 -20.02 -2.50
N PRO A 136 -5.10 -20.89 -2.49
CA PRO A 136 -6.19 -20.78 -3.45
C PRO A 136 -6.92 -19.46 -3.26
N PHE A 137 -7.25 -18.80 -4.38
CA PHE A 137 -8.02 -17.56 -4.43
C PHE A 137 -9.43 -17.79 -3.89
N GLN A 138 -9.95 -19.04 -4.04
CA GLN A 138 -11.28 -19.44 -3.61
C GLN A 138 -12.12 -18.22 -3.25
N LEU A 141 -17.29 -17.83 5.38
CA LEU A 141 -18.12 -16.74 4.80
C LEU A 141 -18.32 -16.95 3.30
N PRO A 142 -19.54 -17.36 2.84
CA PRO A 142 -19.87 -17.36 1.42
C PRO A 142 -20.71 -16.16 0.95
N GLU A 143 -20.45 -15.00 1.58
CA GLU A 143 -21.16 -13.73 1.35
C GLU A 143 -22.34 -13.60 2.33
N VAL A 144 -21.98 -13.39 3.60
CA VAL A 144 -22.94 -13.23 4.67
C VAL A 144 -22.84 -11.80 5.22
N LYS A 145 -24.00 -11.17 5.40
CA LYS A 145 -24.09 -9.76 5.73
C LYS A 145 -23.41 -9.48 7.06
N THR A 146 -23.25 -10.51 7.91
CA THR A 146 -22.84 -10.30 9.29
C THR A 146 -21.34 -10.01 9.43
N ILE A 147 -20.54 -10.23 8.38
CA ILE A 147 -19.11 -10.06 8.48
C ILE A 147 -18.65 -8.91 7.59
N ASN A 148 -18.29 -7.77 8.20
CA ASN A 148 -18.09 -6.48 7.55
C ASN A 148 -16.72 -6.44 6.89
N TYR A 149 -15.81 -7.24 7.50
CA TYR A 149 -14.42 -7.46 7.14
C TYR A 149 -14.33 -8.49 6.01
N MET A 155 -9.69 -6.24 4.28
CA MET A 155 -9.11 -7.20 3.29
C MET A 155 -8.75 -8.50 4.00
N LEU A 156 -9.76 -9.37 4.16
CA LEU A 156 -9.60 -10.78 4.52
C LEU A 156 -8.85 -10.95 5.85
N LYS A 157 -7.61 -10.43 5.94
CA LYS A 157 -6.85 -10.31 7.18
C LYS A 157 -7.20 -11.44 8.14
N THR A 158 -6.88 -12.69 7.76
CA THR A 158 -7.11 -13.84 8.62
C THR A 158 -6.37 -15.05 8.07
N ILE A 159 -5.04 -14.98 8.09
CA ILE A 159 -4.20 -15.93 7.35
C ILE A 159 -3.76 -17.06 8.27
N LYS A 160 -3.34 -16.74 9.49
CA LYS A 160 -2.83 -17.75 10.47
C LYS A 160 -1.36 -18.04 10.17
N GLU A 161 -0.60 -17.05 9.68
CA GLU A 161 0.86 -17.20 9.42
C GLU A 161 1.14 -18.39 8.50
N ARG A 162 1.24 -19.60 9.06
CA ARG A 162 1.55 -20.82 8.26
C ARG A 162 3.02 -20.78 7.82
N GLY A 163 4.07 -21.07 8.60
CA GLY A 163 5.50 -20.70 8.67
C GLY A 163 5.89 -19.47 7.84
N ALA A 164 4.93 -18.72 7.29
CA ALA A 164 5.21 -17.62 6.37
C ALA A 164 4.85 -16.25 6.96
N THR A 165 5.24 -15.16 6.28
CA THR A 165 4.85 -13.85 6.77
C THR A 165 3.84 -13.23 5.81
N ASP A 166 3.65 -13.87 4.65
CA ASP A 166 2.77 -13.32 3.64
C ASP A 166 2.39 -14.41 2.64
N LEU A 167 1.58 -14.06 1.63
CA LEU A 167 1.14 -15.06 0.65
C LEU A 167 0.80 -14.38 -0.67
N ILE A 168 0.66 -15.20 -1.75
CA ILE A 168 0.10 -14.78 -3.03
C ILE A 168 -0.97 -15.82 -3.38
N TYR A 169 -1.95 -15.44 -4.22
CA TYR A 169 -3.06 -16.35 -4.49
C TYR A 169 -2.87 -17.07 -5.82
N VAL A 170 -3.50 -18.24 -5.91
CA VAL A 170 -3.60 -19.00 -7.13
C VAL A 170 -5.08 -19.17 -7.48
N ASP A 171 -5.40 -18.83 -8.71
CA ASP A 171 -6.77 -18.71 -9.19
C ASP A 171 -6.97 -19.70 -10.32
N GLN A 172 -8.02 -20.52 -10.18
CA GLN A 172 -8.32 -21.62 -11.09
C GLN A 172 -7.15 -22.60 -11.13
N GLY A 173 -6.33 -22.59 -10.07
CA GLY A 173 -5.19 -23.48 -9.95
C GLY A 173 -4.13 -23.20 -11.02
N GLU A 174 -4.27 -22.08 -11.75
CA GLU A 174 -3.26 -21.83 -12.77
C GLU A 174 -2.68 -20.40 -12.77
N TRP A 175 -3.41 -19.39 -12.27
CA TRP A 175 -2.98 -18.00 -12.42
C TRP A 175 -2.66 -17.38 -11.07
N ILE A 176 -1.51 -16.69 -11.01
CA ILE A 176 -1.13 -15.98 -9.79
C ILE A 176 -1.97 -14.71 -9.69
N ARG A 177 -2.47 -14.46 -8.49
CA ARG A 177 -3.22 -13.28 -8.19
C ARG A 177 -2.61 -12.65 -6.93
N GLU A 178 -2.35 -11.35 -7.00
CA GLU A 178 -1.70 -10.60 -5.94
C GLU A 178 -2.68 -10.44 -4.78
N SER A 179 -2.18 -10.46 -3.55
CA SER A 179 -2.98 -9.98 -2.43
C SER A 179 -3.19 -8.48 -2.56
N ALA A 180 -3.96 -7.89 -1.62
CA ALA A 180 -4.25 -6.46 -1.65
C ALA A 180 -3.07 -5.69 -1.07
N ARG A 181 -2.19 -6.38 -0.33
CA ARG A 181 -1.18 -5.70 0.47
C ARG A 181 -0.01 -5.20 -0.39
N SER A 182 0.31 -5.93 -1.48
CA SER A 182 1.59 -5.77 -2.18
C SER A 182 1.45 -6.13 -3.65
N ASN A 183 2.30 -5.53 -4.50
CA ASN A 183 2.40 -6.01 -5.87
C ASN A 183 3.56 -6.99 -6.01
N PHE A 184 3.39 -7.97 -6.92
CA PHE A 184 4.26 -9.13 -7.03
C PHE A 184 4.97 -9.14 -8.38
N PHE A 185 6.30 -9.37 -8.33
CA PHE A 185 7.17 -9.32 -9.49
C PHE A 185 8.05 -10.57 -9.57
N LEU A 186 8.31 -11.05 -10.80
CA LEU A 186 9.31 -12.08 -11.03
C LEU A 186 10.38 -11.47 -11.93
N VAL A 187 11.62 -11.91 -11.73
CA VAL A 187 12.72 -11.65 -12.66
C VAL A 187 13.14 -12.99 -13.28
N MET A 188 13.11 -13.02 -14.61
CA MET A 188 13.42 -14.25 -15.35
C MET A 188 14.94 -14.34 -15.62
N PRO A 189 15.46 -15.55 -15.99
CA PRO A 189 16.90 -15.75 -16.14
C PRO A 189 17.48 -14.76 -17.12
N ASP A 190 16.64 -14.28 -18.05
CA ASP A 190 17.09 -13.32 -19.07
C ASP A 190 16.91 -11.87 -18.64
N ASN A 191 16.51 -11.62 -17.37
CA ASN A 191 16.42 -10.28 -16.84
C ASN A 191 15.14 -9.56 -17.32
N THR A 192 14.22 -10.31 -17.92
CA THR A 192 12.85 -9.86 -18.12
C THR A 192 12.14 -9.83 -16.77
N ILE A 193 11.50 -8.69 -16.50
CA ILE A 193 10.70 -8.54 -15.30
C ILE A 193 9.23 -8.69 -15.64
N VAL A 194 8.51 -9.43 -14.80
CA VAL A 194 7.13 -9.77 -15.09
C VAL A 194 6.29 -9.45 -13.86
N THR A 195 5.16 -8.75 -14.09
CA THR A 195 4.24 -8.36 -13.04
C THR A 195 2.83 -8.33 -13.63
N ALA A 196 1.79 -8.40 -12.79
CA ALA A 196 0.40 -8.41 -13.22
C ALA A 196 0.01 -7.03 -13.75
N ASP A 197 -1.02 -6.94 -14.58
CA ASP A 197 -1.45 -5.59 -14.87
C ASP A 197 -2.73 -5.17 -14.14
N GLU A 198 -3.32 -6.10 -13.35
CA GLU A 198 -4.66 -5.95 -12.78
C GLU A 198 -4.80 -4.73 -11.86
N LYS A 199 -3.69 -4.32 -11.23
CA LYS A 199 -3.69 -3.19 -10.31
C LYS A 199 -2.80 -2.08 -10.87
N ILE A 200 -2.80 -1.96 -12.21
CA ILE A 200 -2.02 -0.97 -12.92
C ILE A 200 -2.33 0.44 -12.38
N LEU A 201 -3.61 0.72 -12.15
CA LEU A 201 -4.08 2.07 -11.85
C LEU A 201 -3.92 2.40 -10.35
N TRP A 202 -3.63 1.38 -9.54
CA TRP A 202 -3.77 1.49 -8.10
C TRP A 202 -2.44 1.42 -7.34
N GLY A 203 -1.35 0.96 -7.98
CA GLY A 203 -0.10 0.74 -7.25
C GLY A 203 0.84 1.94 -7.38
N ILE A 204 1.15 2.60 -6.27
CA ILE A 204 1.97 3.81 -6.34
C ILE A 204 3.45 3.42 -6.41
N THR A 205 3.89 2.57 -5.46
CA THR A 205 5.27 2.17 -5.46
C THR A 205 5.56 1.38 -6.74
N ARG A 206 4.60 0.53 -7.12
CA ARG A 206 4.66 -0.29 -8.33
C ARG A 206 5.06 0.55 -9.54
N ARG A 207 4.38 1.69 -9.75
CA ARG A 207 4.71 2.51 -10.90
C ARG A 207 6.12 3.10 -10.82
N GLN A 208 6.53 3.65 -9.65
CA GLN A 208 7.90 4.15 -9.49
C GLN A 208 8.96 3.10 -9.82
N VAL A 209 8.71 1.84 -9.42
CA VAL A 209 9.68 0.78 -9.61
C VAL A 209 9.66 0.32 -11.07
N ILE A 210 8.47 0.22 -11.68
CA ILE A 210 8.43 -0.12 -13.11
C ILE A 210 9.19 0.94 -13.91
N ASP A 211 8.89 2.22 -13.67
CA ASP A 211 9.61 3.30 -14.35
C ASP A 211 11.12 3.14 -14.15
N ALA A 212 11.56 2.91 -12.90
CA ALA A 212 13.02 2.80 -12.68
C ALA A 212 13.64 1.65 -13.49
N ALA A 213 12.98 0.49 -13.47
CA ALA A 213 13.45 -0.71 -14.16
C ALA A 213 13.58 -0.43 -15.66
N ARG A 214 12.55 0.22 -16.24
CA ARG A 214 12.60 0.55 -17.65
C ARG A 214 13.75 1.52 -17.99
N GLU A 215 13.98 2.51 -17.14
CA GLU A 215 15.05 3.49 -17.32
C GLU A 215 16.41 2.80 -17.26
N ALA A 216 16.52 1.76 -16.41
CA ALA A 216 17.73 0.97 -16.30
C ALA A 216 17.93 0.08 -17.54
N GLY A 217 16.91 -0.04 -18.40
CA GLY A 217 17.06 -0.88 -19.59
C GLY A 217 16.51 -2.30 -19.43
N TYR A 218 15.69 -2.54 -18.38
CA TYR A 218 15.02 -3.83 -18.27
C TYR A 218 13.67 -3.80 -18.98
N ALA A 219 13.32 -4.89 -19.64
CA ALA A 219 11.96 -5.03 -20.15
C ALA A 219 11.05 -5.46 -18.99
N VAL A 220 9.86 -4.85 -18.94
CA VAL A 220 8.85 -5.15 -17.94
C VAL A 220 7.58 -5.55 -18.63
N GLU A 221 7.23 -6.84 -18.54
CA GLU A 221 6.01 -7.31 -19.14
C GLU A 221 4.92 -7.22 -18.08
N GLU A 222 3.77 -6.62 -18.43
CA GLU A 222 2.63 -6.52 -17.52
C GLU A 222 1.50 -7.42 -18.04
N ARG A 223 1.30 -8.57 -17.40
CA ARG A 223 0.39 -9.60 -17.90
C ARG A 223 0.07 -10.59 -16.78
N ARG A 224 -0.88 -11.50 -17.04
CA ARG A 224 -1.17 -12.57 -16.10
C ARG A 224 0.06 -13.47 -16.03
N ILE A 225 0.33 -14.01 -14.84
CA ILE A 225 1.46 -14.84 -14.48
C ILE A 225 0.91 -16.23 -14.20
N HIS A 226 1.42 -17.23 -14.93
CA HIS A 226 1.03 -18.61 -14.74
C HIS A 226 1.81 -19.21 -13.58
N ILE A 227 1.15 -20.05 -12.77
CA ILE A 227 1.77 -20.74 -11.64
C ILE A 227 3.12 -21.34 -12.02
N THR A 228 3.27 -21.90 -13.24
CA THR A 228 4.48 -22.63 -13.58
C THR A 228 5.66 -21.66 -13.71
N GLU A 229 5.37 -20.37 -13.92
CA GLU A 229 6.43 -19.39 -14.03
C GLU A 229 7.26 -19.27 -12.74
N LEU A 230 6.67 -19.68 -11.61
CA LEU A 230 7.37 -19.60 -10.34
C LEU A 230 8.57 -20.53 -10.37
N ASP A 231 8.51 -21.56 -11.22
CA ASP A 231 9.56 -22.56 -11.33
C ASP A 231 10.67 -22.17 -12.31
N GLN A 232 10.47 -21.05 -13.01
CA GLN A 232 11.35 -20.63 -14.08
C GLN A 232 12.08 -19.32 -13.74
N ALA A 233 11.68 -18.65 -12.64
CA ALA A 233 12.21 -17.32 -12.31
C ALA A 233 13.52 -17.43 -11.55
N ARG A 234 14.39 -16.43 -11.73
CA ARG A 234 15.59 -16.36 -10.92
C ARG A 234 15.24 -15.62 -9.63
N GLU A 235 14.46 -14.55 -9.74
CA GLU A 235 14.14 -13.74 -8.56
C GLU A 235 12.64 -13.47 -8.44
N ALA A 236 12.21 -13.14 -7.21
CA ALA A 236 10.84 -12.70 -6.96
C ALA A 236 10.90 -11.59 -5.90
N PHE A 237 10.10 -10.52 -6.04
CA PHE A 237 10.03 -9.47 -5.00
C PHE A 237 8.62 -8.87 -4.89
N PHE A 238 8.38 -8.13 -3.80
CA PHE A 238 7.14 -7.39 -3.56
C PHE A 238 7.47 -5.91 -3.64
N THR A 239 6.52 -5.10 -4.10
CA THR A 239 6.58 -3.67 -3.87
C THR A 239 5.35 -3.25 -3.03
N SER A 240 5.56 -2.29 -2.13
CA SER A 240 4.46 -1.57 -1.45
C SER A 240 5.04 -0.31 -0.80
N THR A 241 4.14 0.54 -0.29
CA THR A 241 4.52 1.79 0.39
C THR A 241 5.52 1.50 1.51
N ILE A 242 5.22 0.53 2.39
CA ILE A 242 6.06 0.29 3.55
C ILE A 242 7.30 -0.55 3.19
N LYS A 243 7.17 -1.52 2.28
CA LYS A 243 8.25 -2.44 2.00
C LYS A 243 9.27 -1.77 1.08
N GLY A 244 8.81 -0.86 0.20
CA GLY A 244 9.68 -0.36 -0.85
C GLY A 244 9.79 -1.47 -1.89
N VAL A 245 10.99 -2.04 -2.01
CA VAL A 245 11.20 -3.22 -2.83
C VAL A 245 11.68 -4.29 -1.85
N MET A 246 11.00 -5.43 -1.78
CA MET A 246 11.34 -6.44 -0.77
C MET A 246 11.57 -7.80 -1.43
N ALA A 247 12.75 -8.37 -1.22
CA ALA A 247 13.14 -9.63 -1.83
C ALA A 247 12.27 -10.72 -1.23
N ILE A 248 11.79 -11.62 -2.09
CA ILE A 248 11.18 -12.85 -1.63
C ILE A 248 12.18 -14.00 -1.84
N GLY A 249 12.52 -14.68 -0.76
CA GLY A 249 13.55 -15.71 -0.80
C GLY A 249 12.99 -17.10 -1.01
N GLN A 250 11.69 -17.30 -0.70
CA GLN A 250 11.11 -18.63 -0.79
C GLN A 250 9.60 -18.51 -0.96
N ILE A 251 9.07 -19.33 -1.88
CA ILE A 251 7.64 -19.52 -2.10
C ILE A 251 7.31 -21.00 -1.97
N ASP A 252 6.52 -21.32 -0.94
CA ASP A 252 6.22 -22.73 -0.62
C ASP A 252 7.53 -23.46 -0.39
N ASP A 253 7.90 -24.36 -1.31
CA ASP A 253 9.07 -25.22 -1.18
C ASP A 253 10.17 -24.80 -2.16
N ARG A 254 9.99 -23.64 -2.81
CA ARG A 254 10.93 -23.14 -3.82
C ARG A 254 11.82 -22.05 -3.19
N VAL A 255 13.13 -22.28 -3.19
CA VAL A 255 14.04 -21.23 -2.74
C VAL A 255 14.50 -20.48 -4.00
N PHE A 256 14.57 -19.15 -3.90
CA PHE A 256 15.04 -18.34 -5.02
C PHE A 256 16.48 -17.94 -4.78
N GLY A 257 17.36 -18.38 -5.71
CA GLY A 257 18.79 -18.21 -5.52
C GLY A 257 19.21 -18.99 -4.28
N ASP A 258 19.96 -18.34 -3.39
CA ASP A 258 20.23 -18.99 -2.13
C ASP A 258 19.29 -18.44 -1.05
N GLY A 259 18.20 -17.74 -1.42
CA GLY A 259 17.29 -17.18 -0.42
C GLY A 259 17.58 -15.71 -0.11
N THR A 260 18.74 -15.23 -0.57
CA THR A 260 19.10 -13.84 -0.37
C THR A 260 18.72 -13.04 -1.63
N ILE A 261 18.75 -11.72 -1.48
CA ILE A 261 18.25 -10.83 -2.51
C ILE A 261 19.02 -11.05 -3.82
N GLY A 262 18.29 -11.11 -4.93
CA GLY A 262 18.86 -11.30 -6.25
C GLY A 262 19.45 -9.99 -6.81
N LYS A 263 20.20 -10.11 -7.92
CA LYS A 263 20.92 -9.00 -8.52
C LYS A 263 19.97 -7.88 -8.97
N VAL A 264 18.92 -8.22 -9.69
CA VAL A 264 18.08 -7.16 -10.25
C VAL A 264 17.23 -6.54 -9.13
N THR A 265 16.80 -7.37 -8.19
CA THR A 265 16.00 -6.86 -7.08
C THR A 265 16.83 -5.83 -6.30
N GLN A 266 18.10 -6.15 -6.06
CA GLN A 266 18.95 -5.22 -5.33
C GLN A 266 19.10 -3.89 -6.09
N GLU A 267 19.36 -3.97 -7.38
CA GLU A 267 19.47 -2.77 -8.21
C GLU A 267 18.17 -1.97 -8.15
N LEU A 268 17.01 -2.64 -8.18
CA LEU A 268 15.73 -1.93 -8.10
C LEU A 268 15.50 -1.27 -6.75
N GLN A 269 16.04 -1.87 -5.66
CA GLN A 269 16.03 -1.19 -4.37
C GLN A 269 16.78 0.13 -4.41
N ASP A 270 18.01 0.12 -4.99
CA ASP A 270 18.79 1.33 -5.09
C ASP A 270 18.04 2.34 -5.95
N LEU A 271 17.45 1.89 -7.07
CA LEU A 271 16.81 2.83 -7.99
C LEU A 271 15.53 3.40 -7.40
N PHE A 272 14.89 2.65 -6.51
CA PHE A 272 13.71 3.19 -5.85
C PHE A 272 14.10 4.32 -4.90
N VAL A 273 15.17 4.12 -4.12
CA VAL A 273 15.71 5.15 -3.25
C VAL A 273 16.06 6.38 -4.08
N GLY A 274 16.53 6.14 -5.31
CA GLY A 274 16.86 7.22 -6.23
C GLY A 274 15.63 8.02 -6.65
N LYS A 275 14.53 7.30 -6.90
CA LYS A 275 13.28 7.94 -7.25
C LYS A 275 12.75 8.77 -6.07
N VAL A 276 12.92 8.25 -4.84
CA VAL A 276 12.57 9.01 -3.62
C VAL A 276 13.40 10.30 -3.49
N LYS A 277 14.73 10.22 -3.66
CA LYS A 277 15.57 11.40 -3.63
C LYS A 277 15.15 12.42 -4.70
N ALA A 278 14.95 11.94 -5.93
CA ALA A 278 14.54 12.80 -7.03
C ALA A 278 13.22 13.51 -6.72
N TYR A 279 12.23 12.79 -6.15
CA TYR A 279 11.00 13.45 -5.76
C TYR A 279 11.29 14.56 -4.73
N LEU A 280 12.10 14.24 -3.72
CA LEU A 280 12.35 15.12 -2.60
C LEU A 280 13.04 16.39 -3.10
N GLU A 281 13.79 16.28 -4.21
CA GLU A 281 14.53 17.40 -4.75
C GLU A 281 13.58 18.40 -5.38
N THR A 282 12.47 17.93 -5.95
CA THR A 282 11.44 18.82 -6.47
C THR A 282 10.63 19.52 -5.37
N CYS A 283 10.91 19.26 -4.09
CA CYS A 283 10.06 19.75 -3.01
C CYS A 283 10.74 20.89 -2.23
S SO4 B . 1.36 1.12 -2.77
O1 SO4 B . 0.51 0.79 -3.86
O2 SO4 B . 1.73 -0.01 -2.00
O3 SO4 B . 2.55 1.71 -3.30
O4 SO4 B . 0.69 2.04 -1.89
MG MG C . -17.83 -3.33 12.39
#